data_2GNM
#
_entry.id   2GNM
#
_cell.length_a   57.196
_cell.length_b   82.974
_cell.length_c   123.781
_cell.angle_alpha   90.00
_cell.angle_beta   90.00
_cell.angle_gamma   90.00
#
_symmetry.space_group_name_H-M   'P 21 21 21'
#
loop_
_entity.id
_entity.type
_entity.pdbx_description
1 polymer lectin
2 non-polymer alpha-D-mannopyranose
3 non-polymer 'CALCIUM ION'
4 non-polymer 'MANGANESE (II) ION'
5 water water
#
_entity_poly.entity_id   1
_entity_poly.type   'polypeptide(L)'
_entity_poly.pdbx_seq_one_letter_code
;(PCA)DSLSFGFPTFPSDQKNLIFQGDAQIKNNAVQLTKTDSNGNPVASTVGRILFSAQVHLWEKSSSRVANFQSQFSFS
LKSPLSNGADGIAFFIAPPDTTIPSGSGGGLLGLFAPGTAQNTSANQVIAVEFDTFYAQDSNTWDPNYPHIGIDVNSIRS
VKTVKWDRRDGQSLNVLVTFNPSTRNLDVVATYSDGTRYEVSYEVDVRSVLPEWVRVGFSAASGEQYQTHTLESWSFTST
LLYTAQKKGENLALEM
;
_entity_poly.pdbx_strand_id   A,B
#
loop_
_chem_comp.id
_chem_comp.type
_chem_comp.name
_chem_comp.formula
CA non-polymer 'CALCIUM ION' 'Ca 2'
MAN D-saccharide, alpha linking alpha-D-mannopyranose 'C6 H12 O6'
MN non-polymer 'MANGANESE (II) ION' 'Mn 2'
#
# COMPACT_ATOMS: atom_id res chain seq x y z
N PCA A 1 1.33 -2.59 -8.87
CA PCA A 1 2.74 -2.97 -8.57
CB PCA A 1 3.07 -2.33 -7.23
CG PCA A 1 1.76 -2.15 -6.53
CD PCA A 1 0.69 -2.09 -7.61
OE PCA A 1 -0.49 -1.91 -7.35
C PCA A 1 2.96 -4.47 -8.49
O PCA A 1 2.11 -5.21 -7.99
N ASP A 2 4.10 -4.91 -9.00
CA ASP A 2 4.48 -6.32 -8.96
C ASP A 2 4.76 -6.75 -7.52
N SER A 3 5.25 -5.82 -6.71
CA SER A 3 5.55 -6.14 -5.31
C SER A 3 4.95 -5.12 -4.35
N LEU A 4 4.54 -5.60 -3.19
CA LEU A 4 3.93 -4.74 -2.18
C LEU A 4 4.21 -5.31 -0.80
N SER A 5 4.51 -4.43 0.14
N SER A 5 4.51 -4.44 0.16
CA SER A 5 4.79 -4.85 1.52
CA SER A 5 4.75 -4.89 1.52
C SER A 5 4.41 -3.74 2.47
C SER A 5 4.41 -3.77 2.47
N PHE A 6 3.93 -4.12 3.66
CA PHE A 6 3.57 -3.15 4.66
C PHE A 6 3.70 -3.83 6.02
N GLY A 7 3.96 -3.03 7.04
CA GLY A 7 4.11 -3.59 8.37
C GLY A 7 3.50 -2.73 9.45
N PHE A 8 2.71 -3.36 10.32
CA PHE A 8 2.09 -2.69 11.45
C PHE A 8 2.64 -3.35 12.72
N PRO A 9 3.71 -2.80 13.31
CA PRO A 9 4.27 -3.38 14.54
C PRO A 9 3.22 -3.25 15.65
N THR A 10 2.42 -2.20 15.55
CA THR A 10 1.33 -1.91 16.49
C THR A 10 0.29 -1.18 15.66
N PHE A 11 -0.85 -0.86 16.28
CA PHE A 11 -1.91 -0.15 15.58
C PHE A 11 -2.35 1.15 16.24
N PRO A 12 -1.64 2.26 15.95
CA PRO A 12 -1.99 3.56 16.53
C PRO A 12 -3.40 3.94 16.05
N SER A 13 -4.08 4.81 16.79
CA SER A 13 -5.43 5.22 16.43
C SER A 13 -5.54 6.02 15.15
N ASP A 14 -4.43 6.62 14.72
CA ASP A 14 -4.42 7.43 13.50
C ASP A 14 -4.18 6.57 12.25
N GLN A 15 -5.22 5.85 11.80
CA GLN A 15 -5.09 4.99 10.62
C GLN A 15 -5.66 5.61 9.36
N LYS A 16 -4.94 5.46 8.25
CA LYS A 16 -5.40 6.00 6.97
C LYS A 16 -5.60 4.94 5.90
N ASN A 17 -4.90 3.82 6.00
CA ASN A 17 -5.00 2.78 4.98
C ASN A 17 -5.78 1.52 5.37
N LEU A 18 -6.56 1.61 6.44
CA LEU A 18 -7.36 0.46 6.86
C LEU A 18 -8.83 0.72 6.60
N ILE A 19 -9.51 -0.30 6.07
CA ILE A 19 -10.94 -0.21 5.83
C ILE A 19 -11.56 -0.96 7.01
N PHE A 20 -12.38 -0.25 7.79
CA PHE A 20 -13.04 -0.85 8.95
C PHE A 20 -14.47 -1.22 8.61
N GLN A 21 -14.85 -2.46 8.90
CA GLN A 21 -16.21 -2.92 8.64
C GLN A 21 -16.80 -3.49 9.94
N GLY A 22 -18.12 -3.41 10.08
CA GLY A 22 -18.75 -3.92 11.28
C GLY A 22 -18.32 -3.16 12.52
N ASP A 23 -18.03 -3.88 13.60
CA ASP A 23 -17.64 -3.25 14.86
C ASP A 23 -16.15 -3.09 15.10
N ALA A 24 -15.33 -3.40 14.10
CA ALA A 24 -13.88 -3.29 14.27
C ALA A 24 -13.43 -1.85 14.54
N GLN A 25 -12.49 -1.68 15.46
CA GLN A 25 -11.95 -0.37 15.76
C GLN A 25 -10.62 -0.45 16.50
N ILE A 26 -9.86 0.63 16.46
CA ILE A 26 -8.57 0.68 17.14
C ILE A 26 -8.77 1.07 18.59
N LYS A 27 -8.08 0.36 19.48
CA LYS A 27 -8.15 0.62 20.92
C LYS A 27 -6.89 0.08 21.57
N ASN A 28 -6.18 0.94 22.29
CA ASN A 28 -4.96 0.55 22.97
C ASN A 28 -3.89 0.01 22.02
N ASN A 29 -3.67 0.73 20.92
CA ASN A 29 -2.68 0.36 19.92
C ASN A 29 -2.85 -1.03 19.32
N ALA A 30 -4.08 -1.51 19.32
CA ALA A 30 -4.39 -2.82 18.76
C ALA A 30 -5.76 -2.73 18.10
N VAL A 31 -6.03 -3.64 17.17
CA VAL A 31 -7.32 -3.64 16.50
C VAL A 31 -8.28 -4.59 17.21
N GLN A 32 -9.37 -4.04 17.73
CA GLN A 32 -10.38 -4.85 18.39
C GLN A 32 -11.39 -5.18 17.32
N LEU A 33 -11.30 -6.39 16.77
CA LEU A 33 -12.20 -6.81 15.71
C LEU A 33 -13.65 -6.90 16.16
N THR A 34 -13.87 -7.36 17.39
CA THR A 34 -15.21 -7.45 17.94
C THR A 34 -15.45 -6.41 19.02
N LYS A 35 -16.69 -5.97 19.15
CA LYS A 35 -17.09 -4.95 20.11
C LYS A 35 -16.80 -5.27 21.57
N THR A 36 -16.33 -4.26 22.29
CA THR A 36 -16.03 -4.39 23.72
C THR A 36 -16.75 -3.26 24.46
N ASP A 37 -17.08 -3.49 25.73
CA ASP A 37 -17.78 -2.49 26.52
C ASP A 37 -16.84 -1.42 27.10
N SER A 38 -17.38 -0.56 27.95
CA SER A 38 -16.60 0.51 28.57
C SER A 38 -15.44 -0.03 29.41
N ASN A 39 -15.70 -1.14 30.10
CA ASN A 39 -14.67 -1.77 30.93
C ASN A 39 -13.64 -2.43 30.03
N GLY A 40 -14.02 -2.67 28.78
CA GLY A 40 -13.12 -3.30 27.84
C GLY A 40 -13.38 -4.79 27.69
N ASN A 41 -14.53 -5.23 28.22
CA ASN A 41 -14.90 -6.64 28.14
C ASN A 41 -15.71 -6.94 26.89
N PRO A 42 -15.57 -8.17 26.37
CA PRO A 42 -16.29 -8.62 25.17
C PRO A 42 -17.81 -8.63 25.34
N VAL A 43 -18.52 -8.40 24.24
CA VAL A 43 -19.97 -8.40 24.25
C VAL A 43 -20.43 -9.40 23.20
N ALA A 44 -21.69 -9.82 23.27
CA ALA A 44 -22.25 -10.78 22.34
C ALA A 44 -22.79 -10.13 21.07
N SER A 45 -23.11 -10.96 20.09
CA SER A 45 -23.66 -10.50 18.82
C SER A 45 -22.86 -9.34 18.24
N THR A 46 -21.61 -9.61 17.88
CA THR A 46 -20.75 -8.59 17.31
C THR A 46 -19.91 -9.18 16.19
N VAL A 47 -19.70 -8.40 15.13
CA VAL A 47 -18.90 -8.83 13.99
C VAL A 47 -18.05 -7.65 13.54
N GLY A 48 -16.80 -7.92 13.16
CA GLY A 48 -15.93 -6.85 12.71
C GLY A 48 -14.84 -7.36 11.80
N ARG A 49 -14.43 -6.53 10.83
CA ARG A 49 -13.38 -6.92 9.89
C ARG A 49 -12.57 -5.69 9.48
N ILE A 50 -11.33 -5.92 9.08
CA ILE A 50 -10.47 -4.85 8.59
C ILE A 50 -9.81 -5.37 7.32
N LEU A 51 -9.54 -4.46 6.39
CA LEU A 51 -8.89 -4.80 5.13
C LEU A 51 -7.87 -3.70 4.86
N PHE A 52 -6.76 -4.06 4.22
CA PHE A 52 -5.78 -3.03 3.88
C PHE A 52 -6.36 -2.38 2.63
N SER A 53 -6.24 -1.06 2.51
CA SER A 53 -6.82 -0.36 1.36
C SER A 53 -6.24 -0.66 -0.02
N ALA A 54 -4.91 -0.80 -0.11
CA ALA A 54 -4.31 -1.07 -1.40
C ALA A 54 -4.63 -2.50 -1.84
N GLN A 55 -4.94 -2.66 -3.12
CA GLN A 55 -5.25 -3.97 -3.66
C GLN A 55 -3.97 -4.73 -3.95
N VAL A 56 -4.00 -6.04 -3.71
CA VAL A 56 -2.85 -6.89 -3.94
C VAL A 56 -3.00 -7.59 -5.27
N HIS A 57 -1.95 -7.56 -6.09
CA HIS A 57 -2.00 -8.24 -7.37
C HIS A 57 -1.56 -9.68 -7.11
N LEU A 58 -2.54 -10.56 -6.94
CA LEU A 58 -2.33 -11.97 -6.64
C LEU A 58 -1.81 -12.80 -7.80
N TRP A 59 -2.31 -12.53 -9.00
CA TRP A 59 -1.84 -13.23 -10.19
C TRP A 59 -2.13 -12.40 -11.43
N GLU A 60 -1.37 -12.67 -12.49
CA GLU A 60 -1.51 -11.91 -13.73
C GLU A 60 -1.62 -12.87 -14.91
N LYS A 61 -2.78 -12.91 -15.54
CA LYS A 61 -3.01 -13.79 -16.67
C LYS A 61 -2.04 -13.57 -17.83
N SER A 62 -2.01 -12.35 -18.34
CA SER A 62 -1.13 -12.01 -19.46
C SER A 62 0.30 -12.52 -19.34
N SER A 63 0.90 -12.40 -18.16
CA SER A 63 2.28 -12.84 -17.95
C SER A 63 2.41 -14.24 -17.38
N SER A 64 1.28 -14.82 -16.97
CA SER A 64 1.28 -16.15 -16.39
C SER A 64 1.99 -16.18 -15.03
N ARG A 65 2.00 -15.04 -14.35
CA ARG A 65 2.65 -14.96 -13.05
C ARG A 65 1.65 -15.10 -11.91
N VAL A 66 2.15 -15.63 -10.79
CA VAL A 66 1.35 -15.82 -9.59
C VAL A 66 2.22 -15.34 -8.42
N ALA A 67 1.60 -14.68 -7.47
CA ALA A 67 2.34 -14.13 -6.34
C ALA A 67 2.72 -15.10 -5.23
N ASN A 68 3.88 -14.83 -4.65
CA ASN A 68 4.38 -15.56 -3.50
C ASN A 68 4.09 -14.54 -2.41
N PHE A 69 3.30 -14.90 -1.39
CA PHE A 69 3.03 -13.95 -0.33
C PHE A 69 3.25 -14.55 1.05
N GLN A 70 3.43 -13.66 2.03
CA GLN A 70 3.64 -14.06 3.40
C GLN A 70 2.91 -13.07 4.29
N SER A 71 2.17 -13.60 5.26
CA SER A 71 1.44 -12.74 6.19
C SER A 71 1.79 -13.19 7.59
N GLN A 72 2.40 -12.32 8.35
CA GLN A 72 2.76 -12.58 9.74
C GLN A 72 1.96 -11.71 10.70
N PHE A 73 1.36 -12.29 11.68
CA PHE A 73 0.53 -11.52 12.61
C PHE A 73 0.40 -12.20 13.96
N SER A 74 -0.03 -11.43 14.95
CA SER A 74 -0.23 -11.97 16.28
C SER A 74 -1.55 -11.48 16.82
N PHE A 75 -2.23 -12.32 17.58
CA PHE A 75 -3.50 -11.93 18.18
C PHE A 75 -3.65 -12.60 19.53
N SER A 76 -4.55 -12.08 20.34
CA SER A 76 -4.82 -12.65 21.65
C SER A 76 -6.34 -12.69 21.81
N LEU A 77 -6.83 -13.67 22.55
CA LEU A 77 -8.26 -13.81 22.78
C LEU A 77 -8.44 -13.78 24.29
N LYS A 78 -9.41 -13.02 24.76
CA LYS A 78 -9.64 -12.93 26.19
C LYS A 78 -11.13 -12.93 26.51
N SER A 79 -11.49 -13.57 27.62
CA SER A 79 -12.88 -13.64 28.03
C SER A 79 -13.00 -13.86 29.53
N PRO A 80 -13.99 -13.21 30.16
CA PRO A 80 -14.22 -13.33 31.61
C PRO A 80 -14.52 -14.79 31.96
N LEU A 81 -15.09 -15.51 31.00
CA LEU A 81 -15.41 -16.92 31.19
C LEU A 81 -14.20 -17.76 30.77
N SER A 82 -14.17 -19.01 31.19
CA SER A 82 -13.04 -19.90 30.87
C SER A 82 -12.87 -20.17 29.38
N ASN A 83 -13.94 -20.03 28.60
CA ASN A 83 -13.85 -20.26 27.16
C ASN A 83 -14.57 -19.13 26.43
N GLY A 84 -14.38 -19.04 25.12
CA GLY A 84 -15.01 -17.99 24.34
C GLY A 84 -15.31 -18.39 22.91
N ALA A 85 -16.01 -17.53 22.18
CA ALA A 85 -16.39 -17.77 20.79
C ALA A 85 -16.34 -16.43 20.05
N ASP A 86 -16.33 -16.47 18.71
CA ASP A 86 -16.34 -17.69 17.91
C ASP A 86 -15.01 -17.98 17.25
N GLY A 87 -14.24 -16.93 16.97
CA GLY A 87 -12.96 -17.13 16.33
C GLY A 87 -12.55 -15.96 15.46
N ILE A 88 -11.31 -16.02 15.00
CA ILE A 88 -10.75 -14.97 14.16
C ILE A 88 -10.16 -15.63 12.92
N ALA A 89 -10.13 -14.89 11.82
CA ALA A 89 -9.59 -15.42 10.59
C ALA A 89 -8.89 -14.40 9.74
N PHE A 90 -7.83 -14.83 9.08
CA PHE A 90 -7.09 -14.02 8.15
C PHE A 90 -7.75 -14.42 6.83
N PHE A 91 -8.08 -13.46 5.97
CA PHE A 91 -8.70 -13.86 4.72
C PHE A 91 -8.27 -13.02 3.51
N ILE A 92 -8.48 -13.61 2.33
CA ILE A 92 -8.15 -13.00 1.05
C ILE A 92 -9.43 -13.09 0.23
N ALA A 93 -9.90 -11.96 -0.31
CA ALA A 93 -11.14 -11.95 -1.07
C ALA A 93 -11.20 -10.81 -2.07
N PRO A 94 -12.23 -10.79 -2.94
CA PRO A 94 -12.36 -9.71 -3.93
C PRO A 94 -12.32 -8.35 -3.23
N PRO A 95 -11.80 -7.33 -3.91
CA PRO A 95 -11.68 -5.97 -3.38
C PRO A 95 -12.93 -5.34 -2.77
N ASP A 96 -14.09 -5.59 -3.36
CA ASP A 96 -15.33 -5.00 -2.86
C ASP A 96 -16.05 -5.84 -1.81
N THR A 97 -15.36 -6.82 -1.26
CA THR A 97 -15.98 -7.69 -0.25
C THR A 97 -16.52 -6.91 0.94
N THR A 98 -17.68 -7.32 1.42
CA THR A 98 -18.32 -6.71 2.58
C THR A 98 -18.89 -7.82 3.44
N ILE A 99 -19.22 -7.50 4.68
CA ILE A 99 -19.79 -8.48 5.61
C ILE A 99 -21.10 -9.03 5.06
N PRO A 100 -21.20 -10.35 4.86
CA PRO A 100 -22.42 -10.95 4.34
C PRO A 100 -23.54 -10.79 5.38
N SER A 101 -24.78 -10.68 4.90
CA SER A 101 -25.91 -10.52 5.81
C SER A 101 -26.11 -11.79 6.65
N GLY A 102 -26.14 -11.63 7.97
CA GLY A 102 -26.32 -12.76 8.87
C GLY A 102 -25.13 -13.70 8.98
N SER A 103 -23.93 -13.18 8.77
CA SER A 103 -22.71 -13.99 8.84
C SER A 103 -22.07 -13.97 10.22
N GLY A 104 -22.87 -13.71 11.25
CA GLY A 104 -22.33 -13.68 12.61
C GLY A 104 -22.04 -15.04 13.19
N GLY A 105 -21.65 -15.05 14.46
CA GLY A 105 -21.35 -16.30 15.13
C GLY A 105 -20.35 -17.20 14.41
N GLY A 106 -20.72 -18.46 14.25
CA GLY A 106 -19.86 -19.42 13.59
C GLY A 106 -19.46 -19.14 12.16
N LEU A 107 -20.14 -18.22 11.48
CA LEU A 107 -19.79 -17.91 10.11
C LEU A 107 -18.63 -16.92 10.01
N LEU A 108 -18.16 -16.48 11.17
CA LEU A 108 -17.01 -15.58 11.29
C LEU A 108 -17.06 -14.29 10.47
N GLY A 109 -18.24 -13.93 9.97
CA GLY A 109 -18.36 -12.73 9.17
C GLY A 109 -17.81 -12.88 7.77
N LEU A 110 -17.63 -14.12 7.35
CA LEU A 110 -17.09 -14.42 6.03
C LEU A 110 -18.09 -15.00 5.04
N PHE A 111 -19.06 -15.77 5.53
CA PHE A 111 -20.02 -16.39 4.63
C PHE A 111 -21.47 -16.09 4.98
N ALA A 112 -22.35 -16.20 3.99
CA ALA A 112 -23.78 -15.98 4.20
C ALA A 112 -24.35 -17.33 4.63
N PRO A 113 -25.35 -17.32 5.53
CA PRO A 113 -25.95 -18.57 6.00
C PRO A 113 -26.46 -19.49 4.89
N GLY A 114 -27.07 -18.90 3.87
CA GLY A 114 -27.61 -19.68 2.77
C GLY A 114 -26.61 -20.40 1.88
N THR A 115 -25.43 -19.82 1.68
CA THR A 115 -24.42 -20.44 0.82
C THR A 115 -23.08 -20.65 1.51
N ALA A 116 -23.09 -20.66 2.84
CA ALA A 116 -21.87 -20.84 3.63
C ALA A 116 -21.06 -22.07 3.20
N GLN A 117 -21.74 -23.08 2.66
CA GLN A 117 -21.06 -24.29 2.25
C GLN A 117 -21.11 -24.55 0.75
N ASN A 118 -21.52 -23.54 -0.02
CA ASN A 118 -21.60 -23.65 -1.47
C ASN A 118 -20.35 -23.00 -2.07
N THR A 119 -19.40 -23.84 -2.48
CA THR A 119 -18.14 -23.37 -3.05
C THR A 119 -18.29 -22.51 -4.30
N SER A 120 -19.26 -22.85 -5.15
CA SER A 120 -19.48 -22.11 -6.38
C SER A 120 -20.05 -20.72 -6.12
N ALA A 121 -20.53 -20.48 -4.92
CA ALA A 121 -21.12 -19.18 -4.58
C ALA A 121 -20.19 -18.29 -3.77
N ASN A 122 -18.95 -18.75 -3.55
CA ASN A 122 -17.99 -17.97 -2.77
C ASN A 122 -16.63 -17.83 -3.44
N GLN A 123 -15.92 -16.77 -3.06
CA GLN A 123 -14.58 -16.49 -3.54
C GLN A 123 -13.83 -15.99 -2.33
N VAL A 124 -13.22 -16.90 -1.59
CA VAL A 124 -12.49 -16.53 -0.39
C VAL A 124 -11.59 -17.65 0.06
N ILE A 125 -10.41 -17.27 0.52
CA ILE A 125 -9.47 -18.22 1.07
C ILE A 125 -9.25 -17.64 2.46
N ALA A 126 -9.37 -18.47 3.48
CA ALA A 126 -9.21 -17.98 4.84
C ALA A 126 -8.54 -19.00 5.73
N VAL A 127 -7.87 -18.49 6.75
CA VAL A 127 -7.21 -19.33 7.74
C VAL A 127 -7.94 -18.92 9.01
N GLU A 128 -8.73 -19.83 9.55
CA GLU A 128 -9.47 -19.52 10.75
C GLU A 128 -8.95 -20.21 12.00
N PHE A 129 -9.19 -19.55 13.13
CA PHE A 129 -8.79 -20.07 14.43
C PHE A 129 -10.10 -20.16 15.20
N ASP A 130 -10.66 -21.37 15.17
CA ASP A 130 -11.94 -21.69 15.78
C ASP A 130 -11.82 -22.18 17.22
N THR A 131 -12.55 -21.53 18.13
N THR A 131 -12.53 -21.55 18.13
CA THR A 131 -12.51 -21.89 19.56
CA THR A 131 -12.46 -21.94 19.54
C THR A 131 -13.83 -22.33 20.20
C THR A 131 -13.41 -23.09 19.90
N PHE A 132 -14.89 -22.45 19.43
N PHE A 132 -14.22 -23.51 18.94
CA PHE A 132 -16.17 -22.86 20.01
CA PHE A 132 -15.18 -24.60 19.15
C PHE A 132 -16.53 -24.33 19.72
C PHE A 132 -16.24 -24.15 20.17
N TYR A 133 -17.01 -24.59 18.51
N TYR A 133 -15.94 -24.34 21.44
CA TYR A 133 -17.39 -25.93 18.05
CA TYR A 133 -16.83 -23.95 22.53
C TYR A 133 -18.74 -26.43 18.54
N ALA A 134 -19.63 -25.52 18.90
CA ALA A 134 -20.95 -25.89 19.37
C ALA A 134 -21.70 -26.64 18.28
N GLN A 135 -21.57 -27.95 18.28
CA GLN A 135 -22.17 -28.85 17.29
C GLN A 135 -23.63 -28.50 17.05
N ASP A 136 -24.28 -27.82 17.95
CA ASP A 136 -25.68 -27.46 17.80
C ASP A 136 -25.86 -26.28 16.85
N SER A 137 -24.90 -25.36 16.88
CA SER A 137 -24.95 -24.17 16.03
C SER A 137 -23.87 -24.20 14.96
N ASN A 138 -22.87 -25.05 15.15
CA ASN A 138 -21.78 -25.19 14.19
C ASN A 138 -21.54 -26.66 13.84
N THR A 139 -22.54 -27.27 13.20
CA THR A 139 -22.48 -28.67 12.81
C THR A 139 -21.27 -29.01 11.94
N TRP A 140 -20.67 -28.00 11.32
CA TRP A 140 -19.52 -28.22 10.46
C TRP A 140 -18.21 -28.24 11.26
N ASP A 141 -17.18 -28.86 10.68
CA ASP A 141 -15.89 -28.95 11.33
C ASP A 141 -15.86 -29.93 12.49
N PRO A 142 -14.67 -30.46 12.82
CA PRO A 142 -14.44 -31.41 13.91
C PRO A 142 -14.91 -30.89 15.26
N ASN A 143 -15.10 -31.80 16.21
CA ASN A 143 -15.56 -31.41 17.54
C ASN A 143 -14.47 -31.11 18.57
N TYR A 144 -13.66 -30.12 18.24
CA TYR A 144 -12.56 -29.66 19.11
C TYR A 144 -11.97 -28.40 18.51
N PRO A 145 -11.40 -27.52 19.34
CA PRO A 145 -10.80 -26.28 18.83
C PRO A 145 -9.79 -26.61 17.75
N HIS A 146 -9.71 -25.76 16.73
CA HIS A 146 -8.80 -26.04 15.63
C HIS A 146 -8.46 -24.84 14.76
N ILE A 147 -7.43 -25.03 13.95
CA ILE A 147 -7.02 -24.02 12.99
C ILE A 147 -7.47 -24.67 11.69
N GLY A 148 -8.13 -23.91 10.82
CA GLY A 148 -8.57 -24.51 9.58
C GLY A 148 -8.27 -23.65 8.38
N ILE A 149 -8.16 -24.29 7.22
CA ILE A 149 -7.92 -23.58 5.97
C ILE A 149 -9.25 -23.69 5.21
N ASP A 150 -9.85 -22.53 4.93
CA ASP A 150 -11.12 -22.45 4.24
C ASP A 150 -10.95 -21.98 2.81
N VAL A 151 -11.52 -22.73 1.87
CA VAL A 151 -11.45 -22.38 0.47
C VAL A 151 -12.87 -22.38 -0.08
N ASN A 152 -13.47 -21.19 -0.15
CA ASN A 152 -14.83 -21.01 -0.65
C ASN A 152 -15.92 -21.71 0.18
N SER A 153 -15.60 -22.10 1.40
CA SER A 153 -16.57 -22.77 2.25
C SER A 153 -16.18 -22.68 3.72
N ILE A 154 -17.18 -22.56 4.59
CA ILE A 154 -16.93 -22.47 6.03
C ILE A 154 -16.49 -23.83 6.55
N ARG A 155 -16.60 -24.84 5.70
CA ARG A 155 -16.19 -26.21 6.04
C ARG A 155 -14.75 -26.39 5.59
N SER A 156 -13.83 -26.21 6.54
CA SER A 156 -12.40 -26.31 6.27
C SER A 156 -11.96 -27.54 5.48
N VAL A 157 -11.13 -27.31 4.47
CA VAL A 157 -10.61 -28.40 3.64
C VAL A 157 -9.51 -29.14 4.38
N LYS A 158 -8.91 -28.45 5.35
CA LYS A 158 -7.84 -29.05 6.15
C LYS A 158 -7.83 -28.39 7.53
N THR A 159 -7.64 -29.18 8.58
CA THR A 159 -7.62 -28.63 9.93
C THR A 159 -6.55 -29.30 10.79
N VAL A 160 -6.26 -28.70 11.93
CA VAL A 160 -5.29 -29.25 12.87
C VAL A 160 -5.79 -28.86 14.26
N LYS A 161 -5.69 -29.79 15.22
CA LYS A 161 -6.15 -29.49 16.56
C LYS A 161 -5.35 -28.32 17.11
N TRP A 162 -6.04 -27.44 17.82
CA TRP A 162 -5.41 -26.25 18.39
C TRP A 162 -5.86 -26.02 19.83
N ASP A 163 -5.04 -25.33 20.61
CA ASP A 163 -5.36 -25.03 22.00
C ASP A 163 -5.59 -23.53 22.22
N ARG A 164 -6.71 -23.19 22.84
CA ARG A 164 -7.03 -21.80 23.12
C ARG A 164 -6.41 -21.46 24.48
N ARG A 165 -5.71 -20.33 24.55
CA ARG A 165 -5.08 -19.90 25.80
C ARG A 165 -5.47 -18.45 26.05
N ASP A 166 -6.39 -18.25 26.99
CA ASP A 166 -6.87 -16.92 27.32
C ASP A 166 -5.75 -15.92 27.60
N GLY A 167 -5.81 -14.78 26.93
CA GLY A 167 -4.83 -13.73 27.13
C GLY A 167 -3.42 -13.93 26.61
N GLN A 168 -3.14 -15.06 25.97
CA GLN A 168 -1.80 -15.28 25.44
C GLN A 168 -1.74 -15.04 23.94
N SER A 169 -0.71 -14.31 23.51
CA SER A 169 -0.54 -14.00 22.09
C SER A 169 -0.08 -15.18 21.26
N LEU A 170 -0.73 -15.38 20.13
CA LEU A 170 -0.36 -16.45 19.21
C LEU A 170 0.30 -15.78 18.01
N ASN A 171 1.50 -16.22 17.66
N ASN A 171 1.51 -16.21 17.67
CA ASN A 171 2.23 -15.68 16.52
CA ASN A 171 2.21 -15.64 16.52
C ASN A 171 1.99 -16.59 15.34
C ASN A 171 1.99 -16.58 15.34
N VAL A 172 1.46 -16.03 14.26
CA VAL A 172 1.17 -16.81 13.06
C VAL A 172 1.91 -16.37 11.82
N LEU A 173 2.35 -17.35 11.05
CA LEU A 173 3.03 -17.11 9.79
C LEU A 173 2.25 -17.86 8.70
N VAL A 174 1.73 -17.12 7.72
CA VAL A 174 0.98 -17.73 6.63
C VAL A 174 1.74 -17.44 5.35
N THR A 175 2.13 -18.49 4.63
CA THR A 175 2.88 -18.31 3.40
C THR A 175 2.28 -19.09 2.23
N PHE A 176 2.38 -18.52 1.03
CA PHE A 176 1.91 -19.20 -0.17
C PHE A 176 3.06 -19.21 -1.18
N ASN A 177 3.38 -20.40 -1.66
CA ASN A 177 4.46 -20.59 -2.62
C ASN A 177 3.82 -21.00 -3.95
N PRO A 178 3.85 -20.11 -4.96
CA PRO A 178 3.26 -20.39 -6.28
C PRO A 178 3.94 -21.55 -7.03
N SER A 179 5.16 -21.89 -6.63
CA SER A 179 5.92 -22.96 -7.27
C SER A 179 5.38 -24.35 -6.91
N THR A 180 4.97 -24.51 -5.66
CA THR A 180 4.42 -25.78 -5.18
C THR A 180 2.92 -25.68 -4.93
N ARG A 181 2.42 -24.44 -4.96
CA ARG A 181 1.01 -24.15 -4.71
C ARG A 181 0.61 -24.48 -3.29
N ASN A 182 1.59 -24.54 -2.39
CA ASN A 182 1.30 -24.83 -0.99
C ASN A 182 1.04 -23.60 -0.15
N LEU A 183 -0.07 -23.64 0.58
CA LEU A 183 -0.44 -22.57 1.49
C LEU A 183 -0.10 -23.18 2.83
N ASP A 184 0.95 -22.66 3.47
CA ASP A 184 1.41 -23.15 4.76
C ASP A 184 1.07 -22.21 5.92
N VAL A 185 0.70 -22.81 7.05
CA VAL A 185 0.35 -22.06 8.23
C VAL A 185 1.13 -22.60 9.41
N VAL A 186 1.80 -21.71 10.12
CA VAL A 186 2.58 -22.08 11.29
C VAL A 186 2.21 -21.11 12.41
N ALA A 187 1.68 -21.65 13.50
CA ALA A 187 1.29 -20.81 14.63
C ALA A 187 2.04 -21.29 15.87
N THR A 188 2.52 -20.34 16.67
CA THR A 188 3.27 -20.70 17.86
C THR A 188 2.98 -19.78 19.04
N TYR A 189 2.99 -20.36 20.24
CA TYR A 189 2.80 -19.56 21.46
C TYR A 189 4.22 -19.27 21.94
N SER A 190 4.36 -18.30 22.84
CA SER A 190 5.68 -17.91 23.33
C SER A 190 6.53 -19.03 23.94
N ASP A 191 5.88 -20.06 24.49
CA ASP A 191 6.64 -21.15 25.09
C ASP A 191 7.17 -22.15 24.08
N GLY A 192 6.93 -21.89 22.79
CA GLY A 192 7.40 -22.81 21.77
C GLY A 192 6.38 -23.82 21.27
N THR A 193 5.17 -23.81 21.82
CA THR A 193 4.14 -24.74 21.35
C THR A 193 3.82 -24.34 19.92
N ARG A 194 3.91 -25.30 19.01
CA ARG A 194 3.75 -25.07 17.58
C ARG A 194 2.59 -25.85 16.95
N TYR A 195 1.93 -25.25 15.96
CA TYR A 195 0.83 -25.90 15.25
C TYR A 195 1.07 -25.66 13.77
N GLU A 196 0.95 -26.71 12.96
CA GLU A 196 1.17 -26.56 11.53
C GLU A 196 0.08 -27.21 10.69
N VAL A 197 -0.30 -26.53 9.62
CA VAL A 197 -1.30 -27.07 8.71
C VAL A 197 -1.04 -26.47 7.34
N SER A 198 -1.18 -27.28 6.30
CA SER A 198 -0.94 -26.81 4.95
C SER A 198 -1.89 -27.47 3.97
N TYR A 199 -2.06 -26.84 2.82
CA TYR A 199 -2.96 -27.36 1.80
C TYR A 199 -2.54 -26.84 0.43
N GLU A 200 -2.64 -27.70 -0.57
CA GLU A 200 -2.27 -27.32 -1.92
C GLU A 200 -3.48 -26.68 -2.59
N VAL A 201 -3.29 -25.47 -3.13
CA VAL A 201 -4.39 -24.77 -3.78
C VAL A 201 -3.92 -23.83 -4.87
N ASP A 202 -4.61 -23.87 -6.01
CA ASP A 202 -4.28 -23.01 -7.13
C ASP A 202 -5.14 -21.75 -6.99
N VAL A 203 -4.54 -20.70 -6.43
CA VAL A 203 -5.28 -19.45 -6.21
C VAL A 203 -5.92 -18.87 -7.46
N ARG A 204 -5.31 -19.13 -8.61
CA ARG A 204 -5.83 -18.62 -9.88
C ARG A 204 -7.26 -19.06 -10.16
N SER A 205 -7.59 -20.30 -9.79
CA SER A 205 -8.92 -20.83 -10.05
C SER A 205 -9.92 -20.49 -8.94
N VAL A 206 -9.43 -19.85 -7.88
CA VAL A 206 -10.28 -19.50 -6.75
C VAL A 206 -10.58 -18.02 -6.58
N LEU A 207 -9.57 -17.18 -6.83
CA LEU A 207 -9.72 -15.74 -6.66
C LEU A 207 -9.36 -14.93 -7.89
N PRO A 208 -9.90 -13.70 -8.00
CA PRO A 208 -9.62 -12.82 -9.14
C PRO A 208 -8.15 -12.39 -9.09
N GLU A 209 -7.68 -11.70 -10.11
CA GLU A 209 -6.28 -11.26 -10.17
C GLU A 209 -5.91 -10.26 -9.07
N TRP A 210 -6.83 -9.35 -8.75
CA TRP A 210 -6.61 -8.35 -7.72
C TRP A 210 -7.53 -8.65 -6.54
N VAL A 211 -6.97 -8.61 -5.34
CA VAL A 211 -7.75 -8.90 -4.14
C VAL A 211 -7.37 -7.97 -3.00
N ARG A 212 -8.08 -8.10 -1.88
CA ARG A 212 -7.76 -7.34 -0.69
C ARG A 212 -7.55 -8.38 0.40
N VAL A 213 -6.71 -8.07 1.37
CA VAL A 213 -6.45 -9.01 2.46
C VAL A 213 -6.81 -8.35 3.78
N GLY A 214 -7.14 -9.15 4.78
CA GLY A 214 -7.50 -8.59 6.06
C GLY A 214 -7.86 -9.64 7.07
N PHE A 215 -8.61 -9.24 8.11
CA PHE A 215 -9.04 -10.14 9.17
C PHE A 215 -10.51 -9.95 9.50
N SER A 216 -11.13 -11.02 9.98
CA SER A 216 -12.53 -10.97 10.36
C SER A 216 -12.69 -11.76 11.66
N ALA A 217 -13.65 -11.35 12.49
CA ALA A 217 -13.91 -12.03 13.75
C ALA A 217 -15.36 -11.84 14.14
N ALA A 218 -15.89 -12.76 14.94
CA ALA A 218 -17.27 -12.67 15.38
C ALA A 218 -17.54 -13.42 16.68
N SER A 219 -18.62 -13.01 17.35
CA SER A 219 -19.07 -13.63 18.59
C SER A 219 -20.58 -13.66 18.54
N GLY A 220 -21.16 -14.83 18.77
CA GLY A 220 -22.61 -14.95 18.77
C GLY A 220 -23.07 -14.79 20.21
N GLU A 221 -23.71 -15.83 20.76
CA GLU A 221 -24.18 -15.79 22.13
C GLU A 221 -22.98 -15.86 23.07
N GLN A 222 -22.02 -16.71 22.73
CA GLN A 222 -20.76 -16.79 23.46
C GLN A 222 -19.77 -15.73 22.97
N TYR A 223 -18.98 -15.14 23.78
CA TYR A 223 -18.10 -14.06 23.35
C TYR A 223 -16.68 -14.11 23.90
N GLN A 224 -15.84 -13.27 23.33
CA GLN A 224 -14.44 -13.12 23.70
C GLN A 224 -13.90 -11.99 22.84
N THR A 225 -12.82 -11.36 23.28
CA THR A 225 -12.23 -10.30 22.48
C THR A 225 -11.35 -10.97 21.42
N HIS A 226 -11.23 -10.33 20.27
CA HIS A 226 -10.38 -10.84 19.19
C HIS A 226 -9.47 -9.66 18.88
N THR A 227 -8.32 -9.63 19.55
CA THR A 227 -7.38 -8.52 19.42
C THR A 227 -6.21 -8.79 18.48
N LEU A 228 -6.13 -8.00 17.41
CA LEU A 228 -5.05 -8.13 16.44
C LEU A 228 -3.97 -7.17 16.91
N GLU A 229 -2.83 -7.72 17.30
CA GLU A 229 -1.74 -6.94 17.85
C GLU A 229 -0.69 -6.42 16.87
N SER A 230 -0.42 -7.18 15.81
CA SER A 230 0.58 -6.77 14.82
C SER A 230 0.30 -7.50 13.53
N TRP A 231 0.83 -6.97 12.43
CA TRP A 231 0.62 -7.58 11.13
C TRP A 231 1.59 -7.02 10.09
N SER A 232 2.26 -7.91 9.37
CA SER A 232 3.16 -7.52 8.30
C SER A 232 2.76 -8.39 7.11
N PHE A 233 2.83 -7.84 5.92
CA PHE A 233 2.45 -8.56 4.73
C PHE A 233 3.36 -8.20 3.58
N THR A 234 3.64 -9.17 2.72
N THR A 234 3.65 -9.18 2.74
CA THR A 234 4.51 -8.94 1.58
CA THR A 234 4.51 -8.97 1.58
C THR A 234 4.20 -9.92 0.46
C THR A 234 4.01 -9.87 0.46
N SER A 235 4.03 -9.41 -0.75
N SER A 235 4.14 -9.39 -0.77
CA SER A 235 3.74 -10.25 -1.91
CA SER A 235 3.72 -10.16 -1.93
C SER A 235 4.57 -9.79 -3.10
C SER A 235 4.56 -9.76 -3.13
N THR A 236 4.92 -10.74 -3.96
CA THR A 236 5.70 -10.47 -5.15
C THR A 236 5.29 -11.41 -6.27
N LEU A 237 4.96 -10.88 -7.44
CA LEU A 237 4.59 -11.73 -8.57
C LEU A 237 5.80 -12.48 -9.10
N LEU A 238 5.68 -13.80 -9.27
CA LEU A 238 6.77 -14.62 -9.76
C LEU A 238 6.35 -15.43 -10.98
N TYR A 239 7.30 -15.71 -11.87
CA TYR A 239 7.03 -16.51 -13.07
C TYR A 239 6.85 -17.97 -12.70
N THR A 240 5.84 -18.60 -13.27
CA THR A 240 5.56 -20.01 -12.99
C THR A 240 6.10 -20.89 -14.10
N ALA A 241 6.70 -22.02 -13.73
N PCA B 1 0.46 2.01 8.60
CA PCA B 1 1.66 1.14 8.73
CB PCA B 1 1.76 0.31 7.47
CG PCA B 1 0.93 1.02 6.44
CD PCA B 1 -0.02 1.94 7.19
OE PCA B 1 -0.91 2.54 6.60
C PCA B 1 2.94 1.95 8.93
O PCA B 1 3.10 3.03 8.37
N ASP B 2 3.85 1.41 9.76
CA ASP B 2 5.13 2.05 10.01
C ASP B 2 6.02 1.95 8.78
N SER B 3 5.89 0.84 8.05
CA SER B 3 6.68 0.64 6.84
C SER B 3 5.79 0.29 5.66
N LEU B 4 6.21 0.72 4.48
CA LEU B 4 5.44 0.48 3.26
C LEU B 4 6.41 0.48 2.08
N SER B 5 6.20 -0.41 1.13
CA SER B 5 7.05 -0.44 -0.05
C SER B 5 6.26 -1.02 -1.20
N PHE B 6 6.58 -0.58 -2.41
CA PHE B 6 5.93 -1.11 -3.58
C PHE B 6 6.88 -0.97 -4.75
N GLY B 7 6.70 -1.81 -5.76
CA GLY B 7 7.59 -1.73 -6.90
C GLY B 7 6.88 -1.94 -8.20
N PHE B 8 7.13 -1.04 -9.14
CA PHE B 8 6.57 -1.12 -10.48
C PHE B 8 7.73 -1.24 -11.47
N PRO B 9 8.21 -2.48 -11.73
CA PRO B 9 9.32 -2.62 -12.68
C PRO B 9 8.87 -2.09 -14.05
N THR B 10 7.56 -2.18 -14.30
CA THR B 10 6.91 -1.68 -15.51
C THR B 10 5.50 -1.31 -15.10
N PHE B 11 4.74 -0.71 -16.02
CA PHE B 11 3.37 -0.30 -15.72
C PHE B 11 2.34 -0.89 -16.68
N PRO B 12 1.90 -2.13 -16.43
CA PRO B 12 0.89 -2.73 -17.31
C PRO B 12 -0.37 -1.86 -17.24
N SER B 13 -1.23 -1.94 -18.24
CA SER B 13 -2.44 -1.12 -18.26
C SER B 13 -3.44 -1.43 -17.16
N ASP B 14 -3.36 -2.64 -16.60
CA ASP B 14 -4.29 -3.04 -15.54
C ASP B 14 -3.81 -2.58 -14.17
N GLN B 15 -4.16 -1.34 -13.81
CA GLN B 15 -3.76 -0.75 -12.54
C GLN B 15 -4.94 -0.53 -11.59
N LYS B 16 -4.71 -0.68 -10.29
CA LYS B 16 -5.76 -0.49 -9.29
C LYS B 16 -5.34 0.47 -8.16
N ASN B 17 -4.04 0.61 -7.95
CA ASN B 17 -3.56 1.46 -6.87
C ASN B 17 -2.97 2.80 -7.28
N LEU B 18 -3.24 3.22 -8.51
CA LEU B 18 -2.73 4.51 -8.96
C LEU B 18 -3.86 5.51 -9.15
N ILE B 19 -3.62 6.73 -8.71
CA ILE B 19 -4.59 7.81 -8.87
C ILE B 19 -4.09 8.65 -10.04
N PHE B 20 -4.85 8.65 -11.13
CA PHE B 20 -4.50 9.42 -12.32
C PHE B 20 -5.16 10.79 -12.30
N GLN B 21 -4.38 11.84 -12.54
CA GLN B 21 -4.93 13.18 -12.56
C GLN B 21 -4.56 13.84 -13.89
N GLY B 22 -5.46 14.68 -14.40
CA GLY B 22 -5.18 15.35 -15.66
C GLY B 22 -5.14 14.41 -16.84
N ASP B 23 -4.11 14.57 -17.68
CA ASP B 23 -3.97 13.76 -18.89
C ASP B 23 -3.15 12.48 -18.75
N ALA B 24 -2.67 12.21 -17.55
CA ALA B 24 -1.85 11.02 -17.31
C ALA B 24 -2.58 9.71 -17.62
N GLN B 25 -1.88 8.78 -18.25
CA GLN B 25 -2.47 7.48 -18.57
C GLN B 25 -1.38 6.46 -18.91
N ILE B 26 -1.75 5.19 -18.86
CA ILE B 26 -0.80 4.13 -19.18
C ILE B 26 -0.84 3.82 -20.67
N LYS B 27 0.33 3.72 -21.27
CA LYS B 27 0.46 3.39 -22.69
C LYS B 27 1.79 2.68 -22.90
N ASN B 28 1.73 1.52 -23.54
CA ASN B 28 2.94 0.74 -23.83
C ASN B 28 3.75 0.36 -22.58
N ASN B 29 3.06 -0.07 -21.52
CA ASN B 29 3.72 -0.49 -20.29
C ASN B 29 4.48 0.62 -19.57
N ALA B 30 4.10 1.87 -19.83
CA ALA B 30 4.74 3.01 -19.17
C ALA B 30 3.66 4.04 -18.89
N VAL B 31 3.96 4.97 -17.99
CA VAL B 31 3.02 6.03 -17.67
C VAL B 31 3.36 7.24 -18.52
N GLN B 32 2.38 7.70 -19.30
CA GLN B 32 2.57 8.89 -20.12
C GLN B 32 1.92 9.99 -19.31
N LEU B 33 2.72 10.77 -18.60
CA LEU B 33 2.18 11.84 -17.76
C LEU B 33 1.47 12.90 -18.59
N THR B 34 2.08 13.31 -19.70
CA THR B 34 1.46 14.31 -20.56
C THR B 34 0.86 13.69 -21.81
N LYS B 35 -0.20 14.32 -22.30
CA LYS B 35 -0.93 13.84 -23.46
C LYS B 35 -0.12 13.70 -24.75
N THR B 36 -0.41 12.62 -25.48
CA THR B 36 0.23 12.32 -26.75
C THR B 36 -0.90 12.00 -27.74
N ASP B 37 -0.69 12.29 -29.03
CA ASP B 37 -1.73 12.02 -30.02
C ASP B 37 -1.82 10.53 -30.33
N SER B 38 -2.69 10.17 -31.28
CA SER B 38 -2.88 8.78 -31.67
C SER B 38 -1.60 8.13 -32.17
N ASN B 39 -0.72 8.94 -32.76
CA ASN B 39 0.55 8.44 -33.30
C ASN B 39 1.63 8.32 -32.22
N GLY B 40 1.32 8.80 -31.01
CA GLY B 40 2.28 8.72 -29.93
C GLY B 40 3.17 9.94 -29.79
N ASN B 41 2.86 10.99 -30.54
CA ASN B 41 3.63 12.23 -30.48
C ASN B 41 3.07 13.16 -29.41
N PRO B 42 3.95 13.94 -28.75
CA PRO B 42 3.55 14.88 -27.70
C PRO B 42 2.75 16.05 -28.27
N VAL B 43 1.88 16.62 -27.45
CA VAL B 43 1.08 17.77 -27.86
C VAL B 43 1.25 18.87 -26.82
N ALA B 44 0.86 20.09 -27.19
CA ALA B 44 0.99 21.21 -26.27
C ALA B 44 -0.17 21.30 -25.28
N SER B 45 -0.01 22.17 -24.29
CA SER B 45 -1.03 22.42 -23.29
C SER B 45 -1.57 21.17 -22.62
N THR B 46 -0.70 20.48 -21.89
CA THR B 46 -1.11 19.27 -21.21
C THR B 46 -0.44 19.15 -19.86
N VAL B 47 -1.18 18.60 -18.91
CA VAL B 47 -0.68 18.40 -17.55
C VAL B 47 -1.23 17.07 -17.07
N GLY B 48 -0.41 16.34 -16.32
CA GLY B 48 -0.84 15.06 -15.80
C GLY B 48 -0.03 14.67 -14.59
N ARG B 49 -0.63 13.90 -13.69
CA ARG B 49 0.07 13.46 -12.49
C ARG B 49 -0.49 12.10 -12.06
N ILE B 50 0.30 11.37 -11.28
CA ILE B 50 -0.14 10.09 -10.73
C ILE B 50 0.31 10.09 -9.28
N LEU B 51 -0.46 9.44 -8.42
CA LEU B 51 -0.15 9.32 -7.00
C LEU B 51 -0.42 7.87 -6.64
N PHE B 52 0.33 7.34 -5.69
CA PHE B 52 0.08 5.98 -5.25
C PHE B 52 -1.10 6.14 -4.29
N SER B 53 -2.05 5.22 -4.33
CA SER B 53 -3.25 5.31 -3.50
C SER B 53 -3.02 5.29 -2.00
N ALA B 54 -2.20 4.34 -1.54
CA ALA B 54 -1.94 4.22 -0.11
C ALA B 54 -1.18 5.44 0.41
N GLN B 55 -1.62 5.96 1.54
CA GLN B 55 -0.96 7.11 2.15
C GLN B 55 0.30 6.66 2.86
N VAL B 56 1.34 7.50 2.82
CA VAL B 56 2.62 7.19 3.44
C VAL B 56 2.75 7.91 4.77
N HIS B 57 3.12 7.18 5.82
CA HIS B 57 3.27 7.80 7.12
C HIS B 57 4.69 8.37 7.18
N LEU B 58 4.81 9.66 6.87
CA LEU B 58 6.09 10.36 6.82
C LEU B 58 6.73 10.62 8.17
N TRP B 59 5.93 11.05 9.15
CA TRP B 59 6.42 11.27 10.50
C TRP B 59 5.29 11.12 11.50
N GLU B 60 5.65 10.91 12.76
CA GLU B 60 4.65 10.70 13.79
C GLU B 60 4.99 11.51 15.04
N LYS B 61 4.13 12.47 15.37
CA LYS B 61 4.33 13.34 16.53
C LYS B 61 4.47 12.57 17.84
N SER B 62 3.44 11.83 18.20
CA SER B 62 3.43 11.07 19.45
C SER B 62 4.70 10.27 19.74
N SER B 63 5.30 9.66 18.72
CA SER B 63 6.49 8.86 18.93
C SER B 63 7.81 9.51 18.55
N SER B 64 7.74 10.75 18.07
CA SER B 64 8.97 11.46 17.67
C SER B 64 9.76 10.70 16.60
N ARG B 65 9.04 10.04 15.70
CA ARG B 65 9.71 9.28 14.63
C ARG B 65 9.52 9.95 13.27
N VAL B 66 10.50 9.78 12.40
CA VAL B 66 10.45 10.33 11.05
C VAL B 66 10.88 9.23 10.10
N ALA B 67 10.24 9.16 8.94
CA ALA B 67 10.55 8.11 7.99
C ALA B 67 11.83 8.27 7.18
N ASN B 68 12.45 7.14 6.92
CA ASN B 68 13.63 7.08 6.08
C ASN B 68 12.96 6.53 4.81
N PHE B 69 13.05 7.24 3.69
CA PHE B 69 12.44 6.71 2.47
C PHE B 69 13.38 6.78 1.28
N GLN B 70 13.12 5.93 0.30
CA GLN B 70 13.88 5.86 -0.93
C GLN B 70 12.96 5.73 -2.14
N SER B 71 13.15 6.54 -3.14
CA SER B 71 12.32 6.49 -4.33
C SER B 71 13.27 6.33 -5.52
N GLN B 72 13.13 5.21 -6.23
CA GLN B 72 14.00 4.92 -7.37
C GLN B 72 13.08 4.90 -8.59
N PHE B 73 13.46 5.61 -9.64
CA PHE B 73 12.61 5.64 -10.82
C PHE B 73 13.40 6.00 -12.06
N SER B 74 12.83 5.72 -13.22
CA SER B 74 13.48 6.05 -14.48
C SER B 74 12.45 6.65 -15.42
N PHE B 75 12.87 7.62 -16.21
CA PHE B 75 11.97 8.26 -17.16
C PHE B 75 12.77 8.67 -18.39
N SER B 76 12.05 8.94 -19.47
CA SER B 76 12.66 9.38 -20.72
C SER B 76 11.79 10.50 -21.28
N LEU B 77 12.42 11.45 -21.96
CA LEU B 77 11.71 12.58 -22.55
C LEU B 77 12.02 12.54 -24.04
N LYS B 78 11.02 12.83 -24.87
CA LYS B 78 11.23 12.82 -26.31
C LYS B 78 10.43 13.92 -26.98
N SER B 79 11.04 14.60 -27.95
CA SER B 79 10.36 15.67 -28.66
C SER B 79 11.03 15.97 -29.99
N PRO B 80 10.24 16.21 -31.04
CA PRO B 80 10.81 16.53 -32.34
C PRO B 80 11.34 17.98 -32.34
N LEU B 81 10.91 18.76 -31.35
CA LEU B 81 11.33 20.16 -31.22
C LEU B 81 12.74 20.27 -30.66
N SER B 82 13.39 21.41 -30.88
CA SER B 82 14.74 21.62 -30.37
C SER B 82 14.67 22.06 -28.91
N ASN B 83 13.49 22.48 -28.47
CA ASN B 83 13.30 22.94 -27.09
C ASN B 83 12.10 22.34 -26.39
N GLY B 84 12.15 21.02 -26.17
CA GLY B 84 11.06 20.34 -25.49
C GLY B 84 10.88 20.88 -24.09
N ALA B 85 9.63 20.97 -23.65
CA ALA B 85 9.30 21.49 -22.33
C ALA B 85 8.08 20.74 -21.79
N ASP B 86 7.76 20.87 -20.51
CA ASP B 86 8.50 21.71 -19.55
C ASP B 86 9.30 20.92 -18.53
N GLY B 87 8.87 19.71 -18.23
CA GLY B 87 9.60 18.92 -17.25
C GLY B 87 8.75 17.97 -16.45
N ILE B 88 9.42 17.14 -15.66
CA ILE B 88 8.77 16.15 -14.83
C ILE B 88 9.30 16.27 -13.41
N ALA B 89 8.46 15.92 -12.44
CA ALA B 89 8.91 16.01 -11.06
C ALA B 89 8.36 14.89 -10.19
N PHE B 90 9.19 14.49 -9.22
CA PHE B 90 8.79 13.50 -8.24
C PHE B 90 8.34 14.43 -7.10
N PHE B 91 7.19 14.19 -6.51
CA PHE B 91 6.74 15.06 -5.42
C PHE B 91 6.05 14.34 -4.28
N ILE B 92 6.02 15.03 -3.13
CA ILE B 92 5.39 14.53 -1.92
C ILE B 92 4.49 15.67 -1.44
N ALA B 93 3.22 15.38 -1.20
CA ALA B 93 2.30 16.42 -0.77
C ALA B 93 1.16 15.83 0.05
N PRO B 94 0.25 16.68 0.57
CA PRO B 94 -0.88 16.19 1.37
C PRO B 94 -1.71 15.24 0.51
N PRO B 95 -2.32 14.22 1.15
CA PRO B 95 -3.14 13.22 0.49
C PRO B 95 -4.27 13.69 -0.43
N ASP B 96 -4.86 14.85 -0.13
CA ASP B 96 -5.94 15.35 -0.97
C ASP B 96 -5.49 16.26 -2.11
N THR B 97 -4.19 16.31 -2.34
CA THR B 97 -3.64 17.15 -3.41
C THR B 97 -4.27 16.89 -4.78
N THR B 98 -4.53 17.99 -5.50
CA THR B 98 -5.09 17.93 -6.84
C THR B 98 -4.32 18.94 -7.70
N ILE B 99 -4.52 18.88 -9.01
CA ILE B 99 -3.84 19.81 -9.91
C ILE B 99 -4.40 21.21 -9.70
N PRO B 100 -3.55 22.17 -9.30
CA PRO B 100 -3.96 23.56 -9.07
C PRO B 100 -4.43 24.24 -10.35
N SER B 101 -5.37 25.18 -10.20
CA SER B 101 -5.91 25.91 -11.34
C SER B 101 -4.80 26.67 -12.05
N GLY B 102 -4.69 26.49 -13.36
CA GLY B 102 -3.68 27.17 -14.15
C GLY B 102 -2.24 26.86 -13.80
N SER B 103 -1.96 25.60 -13.47
CA SER B 103 -0.61 25.19 -13.11
C SER B 103 0.17 24.54 -14.25
N GLY B 104 -0.24 24.81 -15.48
CA GLY B 104 0.44 24.24 -16.63
C GLY B 104 1.81 24.83 -16.91
N GLY B 105 2.43 24.37 -17.99
CA GLY B 105 3.74 24.87 -18.37
C GLY B 105 4.80 24.80 -17.29
N GLY B 106 5.51 25.91 -17.10
CA GLY B 106 6.57 25.98 -16.11
C GLY B 106 6.21 25.70 -14.67
N LEU B 107 4.92 25.67 -14.34
CA LEU B 107 4.51 25.40 -12.97
C LEU B 107 4.45 23.89 -12.71
N LEU B 108 4.65 23.11 -13.77
CA LEU B 108 4.69 21.65 -13.72
C LEU B 108 3.50 20.95 -13.08
N GLY B 109 2.34 21.61 -13.03
CA GLY B 109 1.17 21.01 -12.43
C GLY B 109 1.26 20.91 -10.92
N LEU B 110 2.26 21.57 -10.34
CA LEU B 110 2.48 21.55 -8.89
C LEU B 110 2.01 22.78 -8.13
N PHE B 111 2.12 23.96 -8.75
CA PHE B 111 1.71 25.18 -8.05
C PHE B 111 0.71 26.04 -8.81
N ALA B 112 -0.01 26.85 -8.06
CA ALA B 112 -1.00 27.77 -8.63
C ALA B 112 -0.22 29.05 -8.90
N PRO B 113 -0.55 29.75 -10.00
CA PRO B 113 0.13 30.99 -10.39
C PRO B 113 0.23 32.04 -9.28
N GLY B 114 -0.88 32.30 -8.59
CA GLY B 114 -0.89 33.30 -7.54
C GLY B 114 0.00 33.07 -6.33
N THR B 115 0.28 31.81 -6.01
CA THR B 115 1.11 31.51 -4.84
C THR B 115 2.29 30.58 -5.13
N ALA B 116 2.66 30.47 -6.40
CA ALA B 116 3.76 29.61 -6.82
C ALA B 116 5.06 29.91 -6.08
N GLN B 117 5.24 31.15 -5.64
CA GLN B 117 6.46 31.52 -4.93
C GLN B 117 6.24 31.92 -3.47
N ASN B 118 5.09 31.56 -2.92
CA ASN B 118 4.79 31.85 -1.52
C ASN B 118 4.86 30.58 -0.69
N THR B 119 5.99 30.37 -0.03
CA THR B 119 6.23 29.18 0.78
C THR B 119 5.19 28.93 1.87
N SER B 120 4.40 29.94 2.20
CA SER B 120 3.37 29.78 3.23
C SER B 120 2.06 29.26 2.67
N ALA B 121 1.88 29.39 1.36
CA ALA B 121 0.66 28.93 0.72
C ALA B 121 0.78 27.51 0.15
N ASN B 122 1.94 26.89 0.34
CA ASN B 122 2.15 25.55 -0.20
C ASN B 122 2.72 24.55 0.80
N GLN B 123 2.47 23.27 0.51
CA GLN B 123 2.97 22.15 1.31
C GLN B 123 3.36 21.09 0.31
N VAL B 124 4.62 21.13 -0.11
CA VAL B 124 5.10 20.18 -1.09
C VAL B 124 6.60 20.18 -1.20
N ILE B 125 7.17 18.99 -1.34
CA ILE B 125 8.59 18.84 -1.55
C ILE B 125 8.63 18.15 -2.90
N ALA B 126 9.44 18.67 -3.81
CA ALA B 126 9.53 18.07 -5.13
C ALA B 126 10.94 18.12 -5.67
N VAL B 127 11.26 17.16 -6.53
CA VAL B 127 12.55 17.12 -7.19
C VAL B 127 12.15 17.26 -8.66
N GLU B 128 12.52 18.37 -9.29
CA GLU B 128 12.16 18.59 -10.67
C GLU B 128 13.30 18.46 -11.67
N PHE B 129 12.95 18.05 -12.88
CA PHE B 129 13.89 17.92 -13.97
C PHE B 129 13.32 18.86 -15.03
N ASP B 130 13.85 20.08 -15.04
CA ASP B 130 13.41 21.16 -15.93
C ASP B 130 14.22 21.29 -17.21
N THR B 131 13.53 21.25 -18.34
CA THR B 131 14.21 21.33 -19.62
C THR B 131 14.00 22.68 -20.32
N PHE B 132 13.12 23.51 -19.78
CA PHE B 132 12.84 24.81 -20.39
C PHE B 132 13.19 25.94 -19.43
N ALA B 134 13.62 29.51 -20.49
CA ALA B 134 13.30 30.86 -20.93
C ALA B 134 13.37 31.83 -19.76
N GLN B 135 14.21 32.85 -19.90
CA GLN B 135 14.38 33.86 -18.85
C GLN B 135 13.29 34.92 -18.90
N ASP B 136 12.35 34.78 -19.84
CA ASP B 136 11.26 35.72 -19.99
C ASP B 136 9.99 35.23 -19.31
N SER B 137 9.82 33.92 -19.25
CA SER B 137 8.65 33.31 -18.62
C SER B 137 9.02 32.70 -17.27
N ASN B 138 9.96 31.76 -17.30
CA ASN B 138 10.43 31.10 -16.08
C ASN B 138 11.59 31.92 -15.51
N THR B 139 11.30 33.17 -15.16
CA THR B 139 12.29 34.08 -14.61
C THR B 139 12.86 33.65 -13.26
N TRP B 140 12.42 32.49 -12.78
CA TRP B 140 12.87 31.98 -11.49
C TRP B 140 13.93 30.90 -11.60
N ASP B 141 14.09 30.34 -12.79
CA ASP B 141 15.09 29.28 -13.00
C ASP B 141 16.33 29.77 -13.73
N PRO B 142 17.45 29.04 -13.59
CA PRO B 142 18.72 29.39 -14.25
C PRO B 142 18.58 29.36 -15.76
N ASN B 143 19.60 29.83 -16.46
CA ASN B 143 19.58 29.85 -17.92
C ASN B 143 20.09 28.54 -18.50
N TYR B 144 19.38 27.45 -18.22
CA TYR B 144 19.76 26.12 -18.71
C TYR B 144 18.97 25.01 -18.02
N PRO B 145 18.86 23.83 -18.67
CA PRO B 145 18.12 22.71 -18.08
C PRO B 145 18.78 22.38 -16.75
N HIS B 146 17.99 21.96 -15.77
CA HIS B 146 18.56 21.66 -14.46
C HIS B 146 17.69 20.75 -13.64
N ILE B 147 18.26 20.25 -12.56
CA ILE B 147 17.55 19.43 -11.61
C ILE B 147 17.39 20.39 -10.43
N GLY B 148 16.18 20.50 -9.91
CA GLY B 148 15.95 21.41 -8.80
C GLY B 148 15.20 20.75 -7.65
N ILE B 149 15.47 21.23 -6.44
CA ILE B 149 14.80 20.74 -5.25
C ILE B 149 13.84 21.86 -4.84
N ASP B 150 12.56 21.54 -4.78
CA ASP B 150 11.56 22.53 -4.43
C ASP B 150 10.97 22.25 -3.05
N VAL B 151 10.86 23.31 -2.24
CA VAL B 151 10.29 23.20 -0.92
C VAL B 151 9.28 24.33 -0.76
N ASN B 152 8.01 24.00 -1.01
CA ASN B 152 6.90 24.94 -0.92
C ASN B 152 6.98 26.13 -1.88
N SER B 153 7.73 25.97 -2.96
CA SER B 153 7.88 27.04 -3.95
C SER B 153 8.45 26.55 -5.26
N ILE B 154 8.00 27.14 -6.36
CA ILE B 154 8.49 26.76 -7.69
C ILE B 154 9.92 27.27 -7.83
N ARG B 155 10.30 28.22 -6.97
CA ARG B 155 11.64 28.76 -6.99
C ARG B 155 12.51 27.84 -6.13
N SER B 156 13.18 26.91 -6.81
CA SER B 156 14.03 25.92 -6.19
C SER B 156 15.00 26.44 -5.13
N VAL B 157 15.13 25.71 -4.02
CA VAL B 157 16.04 26.11 -2.95
C VAL B 157 17.44 25.85 -3.46
N LYS B 158 17.54 25.02 -4.50
CA LYS B 158 18.81 24.73 -5.14
CA LYS B 158 18.82 24.67 -5.10
C LYS B 158 18.65 23.98 -6.44
N THR B 159 19.63 24.16 -7.32
CA THR B 159 19.62 23.53 -8.63
C THR B 159 21.05 23.17 -9.01
N VAL B 160 21.16 22.23 -9.94
CA VAL B 160 22.46 21.82 -10.47
C VAL B 160 22.23 21.66 -11.96
N LYS B 161 23.26 21.91 -12.75
CA LYS B 161 23.15 21.79 -14.19
C LYS B 161 22.85 20.34 -14.56
N TRP B 162 22.05 20.16 -15.59
CA TRP B 162 21.66 18.83 -16.05
C TRP B 162 21.60 18.87 -17.57
N ASP B 163 21.78 17.72 -18.21
CA ASP B 163 21.70 17.67 -19.66
C ASP B 163 20.51 16.83 -20.08
N ARG B 164 19.74 17.36 -21.03
CA ARG B 164 18.58 16.64 -21.55
C ARG B 164 19.07 15.80 -22.72
N ARG B 165 18.73 14.51 -22.72
CA ARG B 165 19.12 13.63 -23.81
C ARG B 165 17.83 13.01 -24.35
N ASP B 166 17.48 13.38 -25.57
CA ASP B 166 16.25 12.91 -26.17
C ASP B 166 16.18 11.39 -26.24
N GLY B 167 15.08 10.84 -25.76
CA GLY B 167 14.86 9.40 -25.80
C GLY B 167 15.77 8.53 -24.95
N GLN B 168 16.59 9.11 -24.09
CA GLN B 168 17.46 8.27 -23.26
C GLN B 168 16.94 8.24 -21.82
N SER B 169 16.85 7.05 -21.24
CA SER B 169 16.35 6.90 -19.89
C SER B 169 17.30 7.43 -18.81
N LEU B 170 16.74 8.16 -17.87
CA LEU B 170 17.52 8.69 -16.75
C LEU B 170 17.08 7.88 -15.52
N ASN B 171 18.04 7.31 -14.79
CA ASN B 171 17.73 6.56 -13.57
C ASN B 171 17.97 7.49 -12.41
N VAL B 172 16.99 7.59 -11.53
CA VAL B 172 17.10 8.51 -10.40
C VAL B 172 16.83 7.81 -9.07
N LEU B 173 17.60 8.20 -8.06
CA LEU B 173 17.38 7.69 -6.71
C LEU B 173 17.25 8.90 -5.81
N VAL B 174 16.12 9.00 -5.12
CA VAL B 174 15.87 10.09 -4.19
C VAL B 174 15.72 9.44 -2.81
N THR B 175 16.56 9.86 -1.87
CA THR B 175 16.52 9.30 -0.53
C THR B 175 16.50 10.40 0.52
N PHE B 176 15.87 10.10 1.65
CA PHE B 176 15.81 11.01 2.76
C PHE B 176 16.26 10.26 4.00
N ASN B 177 17.24 10.82 4.71
CA ASN B 177 17.78 10.20 5.92
C ASN B 177 17.35 11.09 7.09
N PRO B 178 16.41 10.61 7.92
CA PRO B 178 15.92 11.37 9.07
C PRO B 178 16.94 11.77 10.13
N SER B 179 18.04 11.06 10.23
CA SER B 179 19.05 11.40 11.23
C SER B 179 19.89 12.61 10.81
N THR B 180 20.14 12.75 9.51
CA THR B 180 20.93 13.88 9.01
C THR B 180 20.03 14.92 8.37
N ARG B 181 18.77 14.55 8.15
CA ARG B 181 17.78 15.41 7.53
C ARG B 181 18.20 15.78 6.11
N ASN B 182 19.06 14.96 5.52
CA ASN B 182 19.51 15.19 4.16
C ASN B 182 18.62 14.52 3.11
N LEU B 183 18.22 15.29 2.12
CA LEU B 183 17.43 14.78 1.01
C LEU B 183 18.49 14.71 -0.09
N ASP B 184 18.82 13.51 -0.54
CA ASP B 184 19.83 13.32 -1.57
C ASP B 184 19.23 12.87 -2.90
N VAL B 185 19.76 13.41 -3.99
CA VAL B 185 19.30 13.05 -5.33
C VAL B 185 20.51 12.63 -6.17
N VAL B 186 20.42 11.45 -6.77
CA VAL B 186 21.48 10.94 -7.64
C VAL B 186 20.81 10.48 -8.94
N ALA B 187 21.22 11.04 -10.06
CA ALA B 187 20.63 10.67 -11.34
C ALA B 187 21.74 10.25 -12.30
N THR B 188 21.48 9.23 -13.10
CA THR B 188 22.51 8.77 -14.02
C THR B 188 21.94 8.33 -15.36
N TYR B 189 22.73 8.52 -16.41
CA TYR B 189 22.36 8.06 -17.75
C TYR B 189 23.11 6.73 -17.88
N SER B 190 22.73 5.90 -18.86
CA SER B 190 23.34 4.59 -19.04
C SER B 190 24.83 4.56 -19.36
N ASP B 191 25.41 5.70 -19.74
CA ASP B 191 26.83 5.74 -20.05
C ASP B 191 27.66 6.13 -18.83
N GLY B 192 26.99 6.29 -17.69
CA GLY B 192 27.70 6.65 -16.47
C GLY B 192 27.64 8.11 -16.06
N THR B 193 27.18 8.99 -16.95
CA THR B 193 27.09 10.41 -16.61
C THR B 193 26.24 10.52 -15.35
N ARG B 194 26.79 11.20 -14.35
CA ARG B 194 26.14 11.31 -13.04
C ARG B 194 25.87 12.74 -12.61
N TYR B 195 24.74 12.95 -11.93
CA TYR B 195 24.38 14.26 -11.40
C TYR B 195 23.97 14.05 -9.94
N GLU B 196 24.45 14.92 -9.06
CA GLU B 196 24.13 14.79 -7.64
C GLU B 196 23.79 16.13 -7.02
N VAL B 197 22.83 16.13 -6.10
CA VAL B 197 22.44 17.35 -5.41
C VAL B 197 21.78 16.93 -4.10
N SER B 198 22.13 17.63 -3.02
CA SER B 198 21.60 17.33 -1.69
CA SER B 198 21.60 17.33 -1.69
C SER B 198 21.14 18.61 -0.99
N TYR B 199 20.14 18.47 -0.13
CA TYR B 199 19.61 19.60 0.61
C TYR B 199 19.15 19.14 1.99
N GLU B 200 19.48 19.92 3.03
CA GLU B 200 19.05 19.56 4.37
C GLU B 200 17.68 20.15 4.64
N VAL B 201 16.72 19.31 5.01
CA VAL B 201 15.38 19.79 5.28
C VAL B 201 14.65 18.95 6.32
N ASP B 202 13.99 19.63 7.26
CA ASP B 202 13.24 18.92 8.30
C ASP B 202 11.83 18.79 7.74
N VAL B 203 11.48 17.59 7.26
CA VAL B 203 10.17 17.38 6.67
C VAL B 203 8.99 17.63 7.61
N ARG B 204 9.20 17.47 8.90
CA ARG B 204 8.12 17.67 9.87
C ARG B 204 7.58 19.09 9.81
N SER B 205 8.40 20.06 9.45
CA SER B 205 7.97 21.45 9.40
C SER B 205 7.41 21.87 8.04
N VAL B 206 7.44 20.95 7.08
CA VAL B 206 6.94 21.25 5.74
C VAL B 206 5.72 20.45 5.35
N LEU B 207 5.67 19.20 5.78
CA LEU B 207 4.56 18.34 5.41
C LEU B 207 3.80 17.73 6.57
N PRO B 208 2.53 17.37 6.34
CA PRO B 208 1.71 16.75 7.37
C PRO B 208 2.27 15.36 7.67
N GLU B 209 1.76 14.71 8.71
CA GLU B 209 2.23 13.39 9.11
C GLU B 209 2.00 12.33 8.04
N TRP B 210 0.83 12.40 7.39
CA TRP B 210 0.51 11.45 6.33
C TRP B 210 0.55 12.18 4.99
N VAL B 211 1.13 11.55 3.98
CA VAL B 211 1.25 12.15 2.67
C VAL B 211 1.08 11.13 1.54
N ARG B 212 1.05 11.64 0.32
CA ARG B 212 1.00 10.78 -0.85
C ARG B 212 2.18 11.17 -1.70
N VAL B 213 2.67 10.22 -2.49
CA VAL B 213 3.82 10.46 -3.34
C VAL B 213 3.43 10.16 -4.78
N GLY B 214 4.08 10.84 -5.72
CA GLY B 214 3.76 10.62 -7.11
C GLY B 214 4.64 11.45 -8.03
N PHE B 215 4.17 11.62 -9.25
CA PHE B 215 4.89 12.37 -10.27
C PHE B 215 3.96 13.33 -10.99
N SER B 216 4.55 14.42 -11.48
CA SER B 216 3.78 15.42 -12.20
C SER B 216 4.63 15.87 -13.37
N ALA B 217 3.97 16.29 -14.45
CA ALA B 217 4.69 16.79 -15.62
C ALA B 217 3.74 17.70 -16.37
N ALA B 218 4.29 18.54 -17.23
CA ALA B 218 3.47 19.45 -18.02
C ALA B 218 4.22 19.99 -19.23
N SER B 219 3.46 20.42 -20.21
CA SER B 219 3.99 21.00 -21.44
C SER B 219 3.12 22.22 -21.74
N GLY B 220 3.75 23.35 -22.04
CA GLY B 220 3.00 24.55 -22.37
C GLY B 220 2.97 24.71 -23.88
N GLU B 221 3.54 25.80 -24.38
CA GLU B 221 3.58 26.06 -25.82
C GLU B 221 4.53 25.06 -26.46
N GLN B 222 5.64 24.78 -25.78
CA GLN B 222 6.63 23.82 -26.26
C GLN B 222 6.28 22.49 -25.58
N TYR B 223 6.55 21.39 -26.25
CA TYR B 223 6.17 20.10 -25.70
C TYR B 223 7.15 18.96 -25.90
N GLN B 224 6.93 17.89 -25.13
CA GLN B 224 7.75 16.69 -25.16
C GLN B 224 6.99 15.63 -24.35
N THR B 225 7.28 14.37 -24.60
CA THR B 225 6.63 13.32 -23.82
C THR B 225 7.35 13.26 -22.48
N HIS B 226 6.64 12.84 -21.43
CA HIS B 226 7.24 12.67 -20.11
C HIS B 226 6.79 11.26 -19.73
N THR B 227 7.64 10.29 -20.06
CA THR B 227 7.36 8.88 -19.85
C THR B 227 8.01 8.28 -18.60
N LEU B 228 7.18 7.88 -17.64
CA LEU B 228 7.68 7.25 -16.42
C LEU B 228 7.72 5.75 -16.73
N GLU B 229 8.93 5.20 -16.72
CA GLU B 229 9.15 3.81 -17.07
C GLU B 229 9.14 2.78 -15.94
N SER B 230 9.58 3.18 -14.75
CA SER B 230 9.59 2.27 -13.61
C SER B 230 9.65 3.08 -12.32
N TRP B 231 9.24 2.46 -11.22
CA TRP B 231 9.24 3.13 -9.94
C TRP B 231 9.12 2.17 -8.76
N SER B 232 10.04 2.33 -7.80
CA SER B 232 10.06 1.52 -6.58
CA SER B 232 10.05 1.52 -6.58
C SER B 232 10.15 2.52 -5.44
N PHE B 233 9.42 2.27 -4.37
CA PHE B 233 9.43 3.17 -3.22
C PHE B 233 9.38 2.37 -1.94
N THR B 234 10.10 2.85 -0.93
CA THR B 234 10.11 2.19 0.36
C THR B 234 10.25 3.27 1.43
N SER B 235 9.51 3.11 2.52
CA SER B 235 9.59 4.06 3.62
CA SER B 235 9.56 4.06 3.62
C SER B 235 9.38 3.31 4.93
N THR B 236 10.13 3.70 5.95
CA THR B 236 10.01 3.08 7.26
CA THR B 236 10.03 3.08 7.26
C THR B 236 10.30 4.11 8.34
N LEU B 237 9.41 4.17 9.33
CA LEU B 237 9.57 5.12 10.44
C LEU B 237 10.73 4.73 11.35
N LEU B 238 11.57 5.71 11.66
CA LEU B 238 12.74 5.49 12.52
C LEU B 238 12.78 6.51 13.66
N TYR B 239 13.43 6.14 14.75
CA TYR B 239 13.56 7.03 15.91
C TYR B 239 14.71 7.98 15.62
N THR B 240 14.49 9.27 15.89
CA THR B 240 15.53 10.27 15.63
C THR B 240 16.09 10.83 16.95
N ALA B 241 17.40 10.68 17.12
C1 MAN C . -25.09 -18.56 18.69
C2 MAN C . -24.83 -18.42 17.19
C3 MAN C . -23.67 -19.32 16.75
C4 MAN C . -22.45 -19.07 17.64
C5 MAN C . -22.83 -19.19 19.11
C6 MAN C . -21.67 -18.86 20.04
O1 MAN C . -25.47 -19.86 18.99
O2 MAN C . -24.55 -17.08 16.87
O3 MAN C . -23.34 -19.08 15.40
O4 MAN C . -21.44 -20.02 17.33
O5 MAN C . -23.90 -18.27 19.42
O6 MAN C . -21.27 -17.50 19.90
CA CA D . -14.07 -24.09 12.22
MN MN E . -16.89 -22.39 14.97
CA CA F . 13.13 25.15 -12.70
MN MN G . 11.27 25.75 -16.18
#